data_8BO6
#
_entry.id   8BO6
#
_cell.length_a   59.120
_cell.length_b   59.634
_cell.length_c   67.053
_cell.angle_alpha   90.000
_cell.angle_beta   90.000
_cell.angle_gamma   90.000
#
_symmetry.space_group_name_H-M   'P 21 21 21'
#
loop_
_entity.id
_entity.type
_entity.pdbx_description
1 polymer 'Coagulation factor XIa light chain'
2 non-polymer (~{E})-~{N}-[[5-(3-azanyl-1~{H}-indazol-6-yl)-4-chloranyl-1~{H}-imidazol-2-yl]methyl]-3-[5-chloranyl-2-(1,2,3,4-tetrazol-1-yl)phenyl]prop-2-enamide
3 non-polymer 'CITRIC ACID'
4 non-polymer GLYCEROL
5 water water
#
_entity_poly.entity_id   1
_entity_poly.type   'polypeptide(L)'
_entity_poly.pdbx_seq_one_letter_code
;IVGGTASVRGEWPWQVTLHTTSPTQRHLCGGSIIGNQWILTAAHCFYGVESPKILRVYSGILNQSEIKEDTSFFGVQEII
IHDQYKMAESGYDIALLKLETTVNYTDSQRPISLPSKGDRNVIYTDCWVTGWGYRKLRDKIQNTLQKAKIPLVTNEECQK
RYRGHKITHKMICAGYREGGKDACKGDSGGPLSCKHNEVWHLVGITSWGEGCAQRERPGVYTNVVEYVDWILEKTQAV
;
_entity_poly.pdbx_strand_id   AAA
#
# COMPACT_ATOMS: atom_id res chain seq x y z
N ILE A 1 3.35 -10.90 -0.08
CA ILE A 1 1.96 -11.42 -0.14
C ILE A 1 2.01 -12.93 0.12
N VAL A 2 1.23 -13.39 1.09
CA VAL A 2 1.05 -14.83 1.40
C VAL A 2 -0.11 -15.36 0.57
N GLY A 3 0.04 -16.53 -0.03
CA GLY A 3 -1.07 -17.22 -0.71
C GLY A 3 -1.49 -16.54 -1.99
N GLY A 4 -0.59 -15.73 -2.56
CA GLY A 4 -0.86 -14.96 -3.76
C GLY A 4 -0.42 -15.66 -5.02
N THR A 5 -0.57 -14.97 -6.13
CA THR A 5 -0.09 -15.44 -7.44
C THR A 5 0.62 -14.28 -8.12
N ALA A 6 1.41 -14.59 -9.13
CA ALA A 6 2.18 -13.62 -9.92
C ALA A 6 1.21 -12.78 -10.73
N SER A 7 1.47 -11.47 -10.75
CA SER A 7 0.79 -10.54 -11.66
C SER A 7 1.42 -10.62 -13.05
N VAL A 8 0.73 -10.05 -14.01
CA VAL A 8 1.31 -9.86 -15.37
C VAL A 8 1.56 -8.38 -15.60
N ARG A 9 2.36 -8.09 -16.61
CA ARG A 9 2.76 -6.72 -16.96
C ARG A 9 1.51 -5.88 -17.22
N GLY A 10 1.43 -4.70 -16.60
CA GLY A 10 0.33 -3.74 -16.79
C GLY A 10 -0.89 -4.00 -15.93
N GLU A 11 -0.90 -5.08 -15.14
CA GLU A 11 -2.11 -5.47 -14.37
C GLU A 11 -2.47 -4.48 -13.26
N TRP A 12 -1.47 -3.93 -12.59
CA TRP A 12 -1.68 -3.05 -11.40
C TRP A 12 -0.92 -1.75 -11.61
N PRO A 13 -1.32 -0.92 -12.59
CA PRO A 13 -0.44 0.14 -13.06
C PRO A 13 -0.25 1.32 -12.09
N TRP A 14 -1.04 1.36 -11.03
CA TRP A 14 -0.85 2.35 -9.96
C TRP A 14 0.18 1.89 -8.92
N GLN A 15 0.57 0.63 -8.93
CA GLN A 15 1.53 0.11 -7.94
C GLN A 15 2.93 0.63 -8.25
N VAL A 16 3.61 1.17 -7.25
CA VAL A 16 5.04 1.51 -7.37
C VAL A 16 5.84 0.70 -6.36
N THR A 17 7.14 0.65 -6.60
CA THR A 17 8.12 0.15 -5.63
C THR A 17 8.97 1.34 -5.20
N LEU A 18 8.97 1.62 -3.92
CA LEU A 18 9.78 2.70 -3.31
CA LEU A 18 9.78 2.70 -3.29
C LEU A 18 11.08 2.05 -2.84
N HIS A 19 12.19 2.54 -3.39
CA HIS A 19 13.53 2.05 -3.01
C HIS A 19 14.20 3.06 -2.11
N THR A 20 14.95 2.53 -1.16
CA THR A 20 16.01 3.29 -0.48
C THR A 20 17.32 2.99 -1.18
N THR A 21 18.28 3.87 -1.01
CA THR A 21 19.63 3.70 -1.56
C THR A 21 20.67 3.85 -0.46
N SER A 22 20.28 3.71 0.80
CA SER A 22 21.25 3.92 1.90
C SER A 22 21.04 2.84 2.94
N PRO A 23 22.06 2.01 3.29
CA PRO A 23 23.42 2.05 2.73
C PRO A 23 23.57 1.31 1.40
N THR A 24 22.53 0.63 0.96
CA THR A 24 22.52 -0.01 -0.39
CA THR A 24 22.47 -0.13 -0.31
C THR A 24 21.09 0.07 -0.94
N GLN A 25 20.99 -0.14 -2.23
CA GLN A 25 19.68 0.00 -2.89
C GLN A 25 18.82 -1.24 -2.67
N ARG A 26 17.61 -1.03 -2.20
CA ARG A 26 16.66 -2.15 -2.01
C ARG A 26 15.25 -1.59 -1.97
N HIS A 27 14.30 -2.46 -2.23
CA HIS A 27 12.87 -2.17 -2.04
C HIS A 27 12.60 -1.91 -0.56
N LEU A 28 11.92 -0.83 -0.28
CA LEU A 28 11.52 -0.43 1.07
C LEU A 28 10.04 -0.71 1.32
N CYS A 29 9.19 -0.31 0.39
CA CYS A 29 7.72 -0.31 0.57
C CYS A 29 7.04 -0.23 -0.79
N GLY A 30 5.77 -0.59 -0.78
CA GLY A 30 4.91 -0.26 -1.91
C GLY A 30 4.36 1.13 -1.80
N GLY A 31 3.67 1.56 -2.83
CA GLY A 31 2.92 2.82 -2.87
C GLY A 31 1.97 2.81 -4.03
N SER A 32 1.15 3.82 -4.12
CA SER A 32 0.14 3.96 -5.17
C SER A 32 0.21 5.35 -5.80
N ILE A 33 0.18 5.36 -7.14
CA ILE A 33 0.04 6.62 -7.90
C ILE A 33 -1.39 7.15 -7.69
N ILE A 34 -1.52 8.38 -7.17
CA ILE A 34 -2.85 9.02 -7.01
C ILE A 34 -2.90 10.34 -7.77
N GLY A 35 -1.81 10.79 -8.32
CA GLY A 35 -1.76 12.02 -9.12
C GLY A 35 -0.49 12.02 -9.91
N ASN A 36 -0.31 12.96 -10.81
CA ASN A 36 0.88 12.89 -11.68
CA ASN A 36 0.87 12.98 -11.71
C ASN A 36 2.14 13.19 -10.89
N GLN A 37 2.04 13.86 -9.72
CA GLN A 37 3.27 14.08 -8.90
CA GLN A 37 3.23 14.13 -8.88
C GLN A 37 3.08 13.50 -7.50
N TRP A 38 2.15 12.58 -7.32
CA TRP A 38 1.78 12.15 -5.95
C TRP A 38 1.68 10.64 -5.81
N ILE A 39 2.38 10.13 -4.78
CA ILE A 39 2.32 8.72 -4.34
C ILE A 39 1.72 8.70 -2.94
N LEU A 40 0.77 7.81 -2.73
CA LEU A 40 0.25 7.57 -1.37
C LEU A 40 0.86 6.28 -0.85
N THR A 41 1.37 6.33 0.37
CA THR A 41 2.06 5.18 1.00
C THR A 41 1.87 5.24 2.51
N ALA A 42 2.62 4.40 3.23
CA ALA A 42 2.51 4.32 4.70
C ALA A 42 3.61 5.16 5.37
N ALA A 43 3.24 5.84 6.44
CA ALA A 43 4.19 6.63 7.24
C ALA A 43 5.32 5.77 7.81
N HIS A 44 5.02 4.53 8.21
CA HIS A 44 6.05 3.70 8.89
C HIS A 44 7.21 3.38 7.95
N CYS A 45 7.01 3.53 6.65
CA CYS A 45 8.06 3.28 5.66
C CYS A 45 9.29 4.15 5.89
N PHE A 46 9.11 5.28 6.54
CA PHE A 46 10.20 6.28 6.63
C PHE A 46 10.92 6.22 7.98
N TYR A 47 10.72 5.16 8.75
CA TYR A 47 11.48 4.96 9.99
C TYR A 47 12.96 4.87 9.61
N GLY A 48 13.81 5.67 10.23
CA GLY A 48 15.23 5.54 9.82
C GLY A 48 15.58 6.02 8.39
N VAL A 49 14.68 6.68 7.65
CA VAL A 49 15.02 7.34 6.36
C VAL A 49 15.52 8.75 6.71
N GLU A 50 16.76 9.06 6.37
CA GLU A 50 17.39 10.31 6.85
C GLU A 50 16.80 11.54 6.15
N SER A 51 16.42 11.40 4.90
CA SER A 51 15.85 12.49 4.08
C SER A 51 15.28 11.89 2.80
N PRO A 52 14.51 12.68 2.03
CA PRO A 52 14.05 12.19 0.74
C PRO A 52 15.16 11.95 -0.29
N LYS A 53 16.36 12.48 -0.06
CA LYS A 53 17.46 12.39 -1.06
C LYS A 53 17.77 10.95 -1.41
N ILE A 54 17.58 10.02 -0.48
CA ILE A 54 18.01 8.61 -0.68
C ILE A 54 16.91 7.76 -1.31
N LEU A 55 15.73 8.33 -1.55
CA LEU A 55 14.60 7.59 -2.09
C LEU A 55 14.58 7.63 -3.63
N ARG A 56 14.04 6.56 -4.19
CA ARG A 56 13.77 6.44 -5.62
C ARG A 56 12.39 5.79 -5.77
N VAL A 57 11.52 6.41 -6.57
CA VAL A 57 10.23 5.79 -6.90
C VAL A 57 10.30 5.19 -8.30
N TYR A 58 10.08 3.87 -8.40
CA TYR A 58 10.01 3.17 -9.70
C TYR A 58 8.56 2.80 -9.97
N SER A 59 8.09 3.19 -11.14
CA SER A 59 6.77 2.81 -11.68
C SER A 59 6.93 1.87 -12.86
N GLY A 60 5.84 1.19 -13.23
CA GLY A 60 5.84 0.38 -14.45
C GLY A 60 6.71 -0.85 -14.28
N ILE A 61 6.99 -1.26 -13.03
CA ILE A 61 7.85 -2.44 -12.70
C ILE A 61 6.97 -3.66 -12.43
N LEU A 62 7.24 -4.79 -13.08
CA LEU A 62 6.66 -6.09 -12.70
C LEU A 62 7.67 -6.84 -11.82
N ASN A 63 8.88 -6.98 -12.32
CA ASN A 63 9.96 -7.74 -11.65
C ASN A 63 10.99 -6.78 -11.07
N GLN A 64 11.33 -6.93 -9.80
CA GLN A 64 12.44 -6.17 -9.16
C GLN A 64 13.70 -6.28 -10.01
N SER A 65 13.91 -7.44 -10.64
CA SER A 65 15.13 -7.70 -11.45
C SER A 65 15.21 -6.77 -12.69
N GLU A 66 14.10 -6.17 -13.14
CA GLU A 66 14.10 -5.16 -14.23
C GLU A 66 14.94 -3.92 -13.84
N ILE A 67 15.11 -3.63 -12.54
CA ILE A 67 15.73 -2.34 -12.12
C ILE A 67 17.25 -2.45 -12.19
N LYS A 68 17.86 -1.66 -13.07
CA LYS A 68 19.32 -1.57 -13.29
C LYS A 68 19.76 -0.12 -13.17
N GLU A 69 21.06 0.17 -13.39
CA GLU A 69 21.67 1.49 -13.09
C GLU A 69 21.17 2.56 -14.08
N ASP A 70 20.59 2.10 -15.20
CA ASP A 70 20.00 3.02 -16.20
C ASP A 70 18.46 2.98 -16.20
N THR A 71 17.80 2.28 -15.25
CA THR A 71 16.32 2.29 -15.18
C THR A 71 15.88 3.66 -14.64
N SER A 72 14.95 4.30 -15.35
N SER A 72 14.98 4.33 -15.36
CA SER A 72 14.43 5.62 -14.96
CA SER A 72 14.46 5.66 -14.97
C SER A 72 13.64 5.49 -13.65
C SER A 72 13.64 5.51 -13.68
N PHE A 73 13.70 6.53 -12.84
CA PHE A 73 12.95 6.60 -11.58
C PHE A 73 12.62 8.05 -11.33
N PHE A 74 11.73 8.27 -10.40
CA PHE A 74 11.35 9.62 -10.00
C PHE A 74 12.03 9.91 -8.67
N GLY A 75 12.62 11.09 -8.58
CA GLY A 75 13.08 11.61 -7.28
C GLY A 75 11.91 12.04 -6.43
N VAL A 76 12.15 12.10 -5.13
CA VAL A 76 11.14 12.54 -4.16
C VAL A 76 11.50 13.94 -3.67
N GLN A 77 10.61 14.89 -3.92
CA GLN A 77 10.74 16.30 -3.50
C GLN A 77 10.43 16.47 -2.01
N GLU A 78 9.43 15.75 -1.52
CA GLU A 78 8.92 15.92 -0.14
C GLU A 78 8.26 14.62 0.33
N ILE A 79 8.44 14.31 1.61
CA ILE A 79 7.67 13.25 2.30
C ILE A 79 6.74 13.99 3.26
N ILE A 80 5.43 13.78 3.14
CA ILE A 80 4.43 14.39 4.02
C ILE A 80 3.82 13.27 4.84
N ILE A 81 4.23 13.21 6.09
CA ILE A 81 3.71 12.21 7.03
C ILE A 81 2.60 12.87 7.84
N HIS A 82 1.53 12.17 8.11
CA HIS A 82 0.44 12.71 8.93
C HIS A 82 1.01 13.19 10.28
N ASP A 83 0.59 14.36 10.72
CA ASP A 83 1.17 14.94 11.94
C ASP A 83 0.81 14.17 13.21
N GLN A 84 -0.16 13.28 13.17
CA GLN A 84 -0.51 12.49 14.37
C GLN A 84 0.12 11.09 14.37
N TYR A 85 0.86 10.77 13.33
CA TYR A 85 1.49 9.42 13.23
C TYR A 85 2.54 9.23 14.32
N LYS A 86 2.46 8.10 15.01
CA LYS A 86 3.48 7.64 15.99
C LYS A 86 4.00 6.23 15.65
N MET A 87 3.13 5.26 15.42
CA MET A 87 3.52 3.89 15.03
C MET A 87 2.36 3.25 14.28
N ALA A 88 2.66 2.30 13.42
CA ALA A 88 1.65 1.74 12.52
C ALA A 88 0.41 1.30 13.30
N GLU A 89 0.63 0.59 14.40
CA GLU A 89 -0.46 -0.09 15.11
C GLU A 89 -1.39 0.91 15.80
N SER A 90 -0.93 2.15 16.00
CA SER A 90 -1.76 3.21 16.63
C SER A 90 -2.47 4.08 15.60
N GLY A 91 -2.29 3.82 14.31
CA GLY A 91 -3.05 4.53 13.27
C GLY A 91 -2.30 5.73 12.67
N TYR A 92 -2.99 6.48 11.82
CA TYR A 92 -2.43 7.61 11.07
C TYR A 92 -1.27 7.15 10.19
N ASP A 93 -1.31 5.89 9.74
CA ASP A 93 -0.17 5.32 8.99
C ASP A 93 -0.33 5.69 7.51
N ILE A 94 -0.03 6.94 7.20
CA ILE A 94 -0.29 7.51 5.88
C ILE A 94 0.75 8.59 5.61
N ALA A 95 1.23 8.56 4.38
CA ALA A 95 2.22 9.53 3.91
C ALA A 95 2.00 9.78 2.41
N LEU A 96 2.27 11.01 2.04
CA LEU A 96 2.35 11.41 0.62
C LEU A 96 3.81 11.62 0.22
N LEU A 97 4.14 11.14 -0.97
CA LEU A 97 5.43 11.53 -1.61
C LEU A 97 5.08 12.48 -2.75
N LYS A 98 5.64 13.70 -2.69
CA LYS A 98 5.58 14.62 -3.82
C LYS A 98 6.79 14.33 -4.68
N LEU A 99 6.53 13.99 -5.94
CA LEU A 99 7.64 13.66 -6.87
C LEU A 99 8.28 14.95 -7.37
N GLU A 100 9.52 14.84 -7.87
CA GLU A 100 10.25 16.00 -8.41
C GLU A 100 9.69 16.41 -9.77
N THR A 101 8.98 15.53 -10.45
CA THR A 101 8.38 15.86 -11.75
C THR A 101 7.07 15.10 -11.89
N THR A 102 6.34 15.34 -12.97
CA THR A 102 5.04 14.71 -13.21
C THR A 102 5.20 13.40 -14.01
N VAL A 103 4.48 12.40 -13.55
CA VAL A 103 4.35 11.08 -14.24
C VAL A 103 3.55 11.43 -15.50
N ASN A 104 4.06 11.16 -16.71
CA ASN A 104 3.15 11.06 -17.88
C ASN A 104 2.52 9.69 -17.81
N TYR A 105 1.21 9.64 -17.71
CA TYR A 105 0.56 8.32 -17.57
C TYR A 105 0.66 7.54 -18.87
N THR A 106 0.88 6.23 -18.73
CA THR A 106 0.99 5.24 -19.82
C THR A 106 0.25 3.98 -19.40
N ASP A 107 0.19 2.98 -20.26
CA ASP A 107 -0.44 1.68 -19.93
C ASP A 107 0.23 1.12 -18.68
N SER A 108 1.50 1.43 -18.45
CA SER A 108 2.24 0.80 -17.33
CA SER A 108 2.31 0.84 -17.34
C SER A 108 2.21 1.66 -16.05
N GLN A 109 1.76 2.92 -16.14
CA GLN A 109 1.81 3.84 -14.98
C GLN A 109 0.57 4.72 -15.04
N ARG A 110 -0.36 4.42 -14.15
N ARG A 110 -0.41 4.38 -14.22
CA ARG A 110 -1.73 4.96 -14.16
CA ARG A 110 -1.76 4.98 -14.23
C ARG A 110 -2.12 5.33 -12.75
C ARG A 110 -2.13 5.30 -12.78
N PRO A 111 -3.01 6.31 -12.57
CA PRO A 111 -3.49 6.62 -11.24
C PRO A 111 -4.64 5.71 -10.82
N ILE A 112 -4.78 5.54 -9.52
CA ILE A 112 -5.99 4.91 -8.92
C ILE A 112 -6.78 6.03 -8.25
N SER A 113 -8.09 6.00 -8.43
N SER A 113 -8.09 6.00 -8.43
CA SER A 113 -9.01 6.96 -7.79
CA SER A 113 -9.06 6.91 -7.82
C SER A 113 -9.08 6.75 -6.29
C SER A 113 -9.11 6.75 -6.30
N LEU A 114 -9.28 7.85 -5.56
CA LEU A 114 -9.61 7.74 -4.15
C LEU A 114 -11.04 7.25 -4.03
N PRO A 115 -11.46 6.72 -2.87
CA PRO A 115 -12.87 6.44 -2.67
C PRO A 115 -13.70 7.70 -2.90
N SER A 116 -14.78 7.58 -3.66
CA SER A 116 -15.47 8.74 -4.28
C SER A 116 -16.44 9.36 -3.28
N LYS A 117 -16.65 10.67 -3.40
CA LYS A 117 -17.67 11.40 -2.63
C LYS A 117 -19.02 10.74 -2.97
N GLY A 118 -19.80 10.40 -1.94
CA GLY A 118 -21.11 9.74 -2.09
C GLY A 118 -21.02 8.24 -1.96
N ASP A 119 -19.83 7.66 -1.78
CA ASP A 119 -19.67 6.18 -1.76
C ASP A 119 -19.36 5.67 -0.35
N ARG A 120 -19.58 6.48 0.70
CA ARG A 120 -19.09 6.17 2.08
C ARG A 120 -19.69 4.84 2.56
N ASN A 121 -20.90 4.50 2.10
CA ASN A 121 -21.65 3.29 2.55
C ASN A 121 -21.62 2.18 1.48
N VAL A 122 -20.79 2.28 0.45
CA VAL A 122 -20.61 1.16 -0.52
C VAL A 122 -19.97 -0.03 0.21
N ILE A 123 -20.50 -1.24 -0.05
N ILE A 123 -20.44 -1.25 -0.09
CA ILE A 123 -19.92 -2.53 0.39
CA ILE A 123 -19.89 -2.52 0.45
C ILE A 123 -18.98 -3.01 -0.72
C ILE A 123 -18.99 -3.16 -0.61
N TYR A 124 -17.66 -3.03 -0.45
CA TYR A 124 -16.67 -3.48 -1.44
C TYR A 124 -16.50 -4.99 -1.33
N THR A 125 -16.77 -5.72 -2.39
CA THR A 125 -16.65 -7.20 -2.43
C THR A 125 -15.55 -7.69 -3.37
N ASP A 126 -14.79 -6.80 -4.00
CA ASP A 126 -13.77 -7.20 -4.97
C ASP A 126 -12.47 -6.46 -4.66
N CYS A 127 -11.79 -6.88 -3.60
CA CYS A 127 -10.61 -6.18 -3.08
C CYS A 127 -9.37 -7.05 -3.15
N TRP A 128 -8.26 -6.42 -3.52
CA TRP A 128 -6.99 -7.09 -3.82
C TRP A 128 -5.85 -6.37 -3.14
N VAL A 129 -4.95 -7.14 -2.56
CA VAL A 129 -3.67 -6.63 -2.01
C VAL A 129 -2.54 -7.11 -2.90
N THR A 130 -1.61 -6.21 -3.17
CA THR A 130 -0.51 -6.44 -4.11
C THR A 130 0.80 -6.02 -3.50
N GLY A 131 1.88 -6.67 -3.90
CA GLY A 131 3.21 -6.24 -3.48
C GLY A 131 4.29 -7.26 -3.74
N TRP A 132 5.49 -6.87 -3.39
CA TRP A 132 6.71 -7.70 -3.51
C TRP A 132 7.13 -8.27 -2.16
N GLY A 133 6.27 -8.21 -1.15
CA GLY A 133 6.64 -8.65 0.19
C GLY A 133 6.82 -10.15 0.33
N TYR A 134 7.17 -10.54 1.53
CA TYR A 134 7.39 -11.94 1.92
C TYR A 134 6.14 -12.81 1.69
N ARG A 135 6.37 -14.10 1.45
N ARG A 135 6.36 -14.10 1.45
CA ARG A 135 5.28 -15.13 1.30
CA ARG A 135 5.27 -15.11 1.30
C ARG A 135 4.99 -15.81 2.65
C ARG A 135 5.03 -15.86 2.63
N LYS A 136 5.78 -15.49 3.68
CA LYS A 136 5.67 -16.01 5.07
C LYS A 136 6.56 -15.13 5.95
N LEU A 137 6.50 -15.31 7.26
CA LEU A 137 7.13 -14.37 8.22
C LEU A 137 8.65 -14.30 7.99
N ARG A 138 9.34 -15.43 7.73
CA ARG A 138 10.80 -15.43 7.49
C ARG A 138 11.02 -15.79 6.02
N ASP A 139 11.22 -14.77 5.19
CA ASP A 139 11.30 -14.93 3.71
C ASP A 139 12.17 -13.80 3.16
N LYS A 140 11.90 -13.41 1.94
CA LYS A 140 12.65 -12.35 1.24
C LYS A 140 11.69 -11.64 0.31
N ILE A 141 12.12 -10.49 -0.13
CA ILE A 141 11.37 -9.72 -1.15
C ILE A 141 11.26 -10.64 -2.39
N GLN A 142 10.08 -10.69 -3.00
CA GLN A 142 9.80 -11.50 -4.20
C GLN A 142 10.17 -10.71 -5.45
N ASN A 143 10.55 -11.40 -6.50
CA ASN A 143 10.94 -10.70 -7.73
C ASN A 143 9.67 -10.18 -8.41
N THR A 144 8.67 -11.04 -8.61
CA THR A 144 7.46 -10.74 -9.40
C THR A 144 6.37 -10.21 -8.46
N LEU A 145 5.80 -9.06 -8.81
CA LEU A 145 4.66 -8.47 -8.09
C LEU A 145 3.60 -9.56 -7.89
N GLN A 146 3.18 -9.74 -6.63
CA GLN A 146 2.15 -10.75 -6.27
C GLN A 146 0.79 -10.07 -6.01
N LYS A 147 -0.28 -10.81 -6.17
CA LYS A 147 -1.65 -10.33 -5.90
C LYS A 147 -2.41 -11.40 -5.12
N ALA A 148 -3.33 -10.94 -4.29
CA ALA A 148 -4.27 -11.82 -3.58
C ALA A 148 -5.58 -11.10 -3.38
N LYS A 149 -6.68 -11.82 -3.59
CA LYS A 149 -8.03 -11.31 -3.28
C LYS A 149 -8.29 -11.57 -1.80
N ILE A 150 -8.73 -10.55 -1.06
N ILE A 150 -8.75 -10.55 -1.08
CA ILE A 150 -8.98 -10.74 0.39
CA ILE A 150 -8.92 -10.60 0.41
C ILE A 150 -10.25 -10.00 0.75
C ILE A 150 -10.28 -9.99 0.73
N PRO A 151 -11.16 -10.64 1.52
CA PRO A 151 -12.42 -10.03 1.89
C PRO A 151 -12.24 -9.02 3.03
N LEU A 152 -12.96 -7.92 2.94
CA LEU A 152 -13.04 -6.97 4.06
C LEU A 152 -13.76 -7.65 5.23
N VAL A 153 -13.36 -7.29 6.43
CA VAL A 153 -14.11 -7.65 7.64
C VAL A 153 -14.60 -6.37 8.32
N THR A 154 -15.63 -6.49 9.14
CA THR A 154 -16.17 -5.34 9.88
C THR A 154 -15.13 -4.88 10.90
N ASN A 155 -15.21 -3.62 11.25
CA ASN A 155 -14.36 -3.07 12.34
C ASN A 155 -14.71 -3.80 13.65
N GLU A 156 -15.95 -4.18 13.84
CA GLU A 156 -16.37 -4.87 15.08
C GLU A 156 -15.65 -6.22 15.15
N GLU A 157 -15.63 -6.98 14.06
CA GLU A 157 -14.93 -8.28 14.04
C GLU A 157 -13.44 -8.03 14.25
N CYS A 158 -12.90 -7.05 13.56
CA CYS A 158 -11.45 -6.77 13.63
C CYS A 158 -11.04 -6.45 15.07
N GLN A 159 -11.81 -5.62 15.75
CA GLN A 159 -11.49 -5.23 17.13
C GLN A 159 -11.48 -6.47 18.03
N LYS A 160 -12.40 -7.40 17.81
CA LYS A 160 -12.47 -8.65 18.61
C LYS A 160 -11.22 -9.52 18.40
N ARG A 161 -10.54 -9.41 17.26
CA ARG A 161 -9.31 -10.20 17.00
C ARG A 161 -8.07 -9.48 17.54
N TYR A 162 -8.18 -8.20 17.86
CA TYR A 162 -7.04 -7.34 18.26
C TYR A 162 -7.42 -6.56 19.53
N ARG A 163 -7.73 -7.28 20.59
CA ARG A 163 -8.23 -6.64 21.82
CA ARG A 163 -8.22 -6.67 21.85
C ARG A 163 -7.12 -5.84 22.53
N GLY A 164 -5.86 -6.00 22.12
CA GLY A 164 -4.76 -5.19 22.67
C GLY A 164 -4.51 -3.90 21.92
N HIS A 165 -5.25 -3.67 20.85
CA HIS A 165 -5.08 -2.49 19.99
C HIS A 165 -6.39 -1.69 19.90
N LYS A 166 -6.31 -0.42 19.61
CA LYS A 166 -7.50 0.41 19.31
C LYS A 166 -7.75 0.33 17.81
N ILE A 167 -8.72 -0.47 17.40
CA ILE A 167 -9.13 -0.52 15.99
C ILE A 167 -10.18 0.57 15.78
N THR A 168 -9.83 1.61 15.03
CA THR A 168 -10.66 2.84 14.88
C THR A 168 -11.31 2.87 13.51
N HIS A 169 -12.21 3.82 13.34
CA HIS A 169 -12.88 4.07 12.05
C HIS A 169 -11.86 4.44 11.00
N LYS A 170 -10.65 4.85 11.39
CA LYS A 170 -9.60 5.23 10.43
C LYS A 170 -8.78 4.02 9.96
N MET A 171 -9.18 2.83 10.39
CA MET A 171 -8.60 1.57 9.93
C MET A 171 -9.67 0.74 9.24
N ILE A 172 -9.21 -0.13 8.35
CA ILE A 172 -10.07 -1.15 7.74
C ILE A 172 -9.28 -2.45 7.74
N CYS A 173 -9.97 -3.55 8.00
CA CYS A 173 -9.30 -4.86 8.11
C CYS A 173 -9.77 -5.79 7.01
N ALA A 174 -8.92 -6.73 6.65
CA ALA A 174 -9.24 -7.68 5.56
C ALA A 174 -8.51 -8.98 5.81
N GLY A 175 -9.22 -10.07 5.68
CA GLY A 175 -8.63 -11.40 5.91
C GLY A 175 -9.68 -12.46 5.88
N TYR A 176 -9.21 -13.70 5.74
CA TYR A 176 -10.04 -14.92 5.81
C TYR A 176 -10.05 -15.44 7.23
N ARG A 177 -11.20 -15.95 7.67
CA ARG A 177 -11.29 -16.50 9.05
C ARG A 177 -10.21 -17.56 9.24
N GLU A 178 -10.00 -18.40 8.22
CA GLU A 178 -9.03 -19.51 8.29
C GLU A 178 -7.64 -19.06 7.82
N GLY A 179 -7.41 -17.76 7.57
CA GLY A 179 -6.07 -17.27 7.18
C GLY A 179 -5.69 -17.75 5.80
N GLY A 180 -4.39 -17.71 5.47
CA GLY A 180 -3.84 -18.30 4.25
C GLY A 180 -3.52 -17.30 3.14
N LYS A 181 -4.18 -16.14 3.14
CA LYS A 181 -3.89 -15.04 2.19
C LYS A 181 -3.82 -13.73 3.00
N ASP A 182 -2.80 -12.94 2.75
CA ASP A 182 -2.55 -11.69 3.52
C ASP A 182 -1.38 -10.97 2.88
N ALA A 183 -1.20 -9.73 3.30
CA ALA A 183 0.07 -9.01 3.12
C ALA A 183 1.10 -9.56 4.10
N CYS A 184 2.37 -9.24 3.87
CA CYS A 184 3.43 -9.55 4.83
C CYS A 184 4.58 -8.55 4.63
N LYS A 185 5.69 -8.77 5.31
CA LYS A 185 6.83 -7.84 5.32
C LYS A 185 7.22 -7.45 3.90
N GLY A 186 7.28 -6.14 3.67
CA GLY A 186 7.67 -5.58 2.36
C GLY A 186 6.46 -5.17 1.54
N ASP A 187 5.25 -5.53 1.96
CA ASP A 187 4.03 -5.09 1.28
C ASP A 187 3.51 -3.74 1.78
N SER A 188 3.95 -3.33 2.95
CA SER A 188 3.37 -2.12 3.53
C SER A 188 3.57 -0.94 2.59
N GLY A 189 2.63 -0.03 2.70
CA GLY A 189 2.56 1.17 1.87
C GLY A 189 1.83 0.94 0.56
N GLY A 190 1.74 -0.30 0.10
CA GLY A 190 1.02 -0.59 -1.15
C GLY A 190 -0.48 -0.53 -0.93
N PRO A 191 -1.21 -0.71 -2.04
CA PRO A 191 -2.66 -0.56 -2.04
C PRO A 191 -3.41 -1.82 -1.61
N LEU A 192 -4.57 -1.54 -1.03
CA LEU A 192 -5.73 -2.44 -0.99
C LEU A 192 -6.71 -1.81 -1.99
N SER A 193 -6.79 -2.40 -3.16
CA SER A 193 -7.53 -1.86 -4.31
C SER A 193 -8.86 -2.60 -4.42
N CYS A 194 -9.97 -1.87 -4.51
CA CYS A 194 -11.29 -2.50 -4.64
C CYS A 194 -11.97 -1.98 -5.89
N LYS A 195 -12.56 -2.88 -6.66
CA LYS A 195 -13.23 -2.51 -7.93
C LYS A 195 -14.72 -2.38 -7.65
N HIS A 196 -15.30 -1.24 -8.03
CA HIS A 196 -16.74 -0.97 -7.84
C HIS A 196 -17.27 -0.35 -9.14
N ASN A 197 -18.27 -0.99 -9.76
CA ASN A 197 -18.79 -0.49 -11.06
C ASN A 197 -17.63 -0.38 -12.05
N GLU A 198 -16.72 -1.34 -12.04
CA GLU A 198 -15.58 -1.49 -12.98
C GLU A 198 -14.61 -0.32 -12.87
N VAL A 199 -14.62 0.36 -11.73
CA VAL A 199 -13.62 1.43 -11.44
C VAL A 199 -12.88 1.02 -10.17
N TRP A 200 -11.55 1.04 -10.25
CA TRP A 200 -10.71 0.75 -9.05
C TRP A 200 -10.65 1.96 -8.14
N HIS A 201 -10.74 1.68 -6.86
CA HIS A 201 -10.55 2.68 -5.80
C HIS A 201 -9.53 2.24 -4.77
N LEU A 202 -8.75 3.20 -4.30
CA LEU A 202 -7.72 2.95 -3.28
C LEU A 202 -8.39 2.98 -1.91
N VAL A 203 -8.83 1.81 -1.47
CA VAL A 203 -9.62 1.71 -0.21
C VAL A 203 -8.69 1.65 1.01
N GLY A 204 -7.57 0.97 0.91
CA GLY A 204 -6.66 0.84 2.03
C GLY A 204 -5.22 1.01 1.64
N ILE A 205 -4.39 1.26 2.66
CA ILE A 205 -2.91 1.23 2.55
C ILE A 205 -2.44 0.14 3.50
N THR A 206 -1.71 -0.83 2.97
CA THR A 206 -1.19 -1.95 3.77
C THR A 206 -0.39 -1.42 4.97
N SER A 207 -0.76 -1.84 6.18
CA SER A 207 -0.17 -1.21 7.39
C SER A 207 0.46 -2.23 8.34
N TRP A 208 -0.33 -3.11 8.93
CA TRP A 208 0.23 -4.05 9.94
C TRP A 208 -0.70 -5.23 10.13
N GLY A 209 -0.21 -6.24 10.83
CA GLY A 209 -1.02 -7.36 11.31
C GLY A 209 -0.22 -8.15 12.32
N GLU A 210 -0.86 -9.09 13.00
N GLU A 210 -0.87 -9.08 12.99
CA GLU A 210 -0.13 -10.00 13.92
CA GLU A 210 -0.21 -10.01 13.93
C GLU A 210 0.21 -11.29 13.19
C GLU A 210 0.20 -11.27 13.16
N GLY A 211 1.49 -11.43 12.86
CA GLY A 211 1.96 -12.45 11.90
C GLY A 211 1.46 -12.13 10.50
N CYS A 212 1.55 -13.12 9.63
CA CYS A 212 1.07 -13.01 8.23
C CYS A 212 0.15 -14.18 7.93
N ALA A 213 -1.09 -13.88 7.55
CA ALA A 213 -2.06 -14.87 7.06
C ALA A 213 -2.45 -15.89 8.14
N GLN A 214 -2.37 -15.52 9.41
CA GLN A 214 -2.79 -16.43 10.50
CA GLN A 214 -2.78 -16.36 10.56
C GLN A 214 -4.31 -16.46 10.61
N ARG A 215 -4.87 -17.54 11.15
N ARG A 215 -4.84 -17.58 11.10
CA ARG A 215 -6.33 -17.66 11.29
CA ARG A 215 -6.29 -17.74 11.40
C ARG A 215 -6.83 -16.55 12.24
C ARG A 215 -6.73 -16.56 12.27
N GLU A 216 -7.94 -15.92 11.90
N GLU A 216 -7.89 -15.98 11.96
CA GLU A 216 -8.63 -14.97 12.81
CA GLU A 216 -8.58 -15.02 12.87
C GLU A 216 -7.70 -13.79 13.16
C GLU A 216 -7.68 -13.82 13.18
N ARG A 217 -6.77 -13.44 12.28
CA ARG A 217 -5.93 -12.24 12.49
C ARG A 217 -5.89 -11.51 11.17
N PRO A 218 -6.90 -10.68 10.87
CA PRO A 218 -6.92 -9.96 9.60
C PRO A 218 -5.77 -8.96 9.50
N GLY A 219 -5.41 -8.68 8.25
CA GLY A 219 -4.50 -7.56 8.01
C GLY A 219 -5.22 -6.25 8.28
N VAL A 220 -4.46 -5.26 8.72
CA VAL A 220 -4.98 -3.94 9.09
C VAL A 220 -4.39 -2.91 8.12
N TYR A 221 -5.29 -2.10 7.58
CA TYR A 221 -5.00 -1.15 6.51
C TYR A 221 -5.45 0.21 6.96
N THR A 222 -4.73 1.23 6.52
CA THR A 222 -5.21 2.62 6.69
C THR A 222 -6.47 2.79 5.84
N ASN A 223 -7.55 3.30 6.44
CA ASN A 223 -8.85 3.48 5.74
C ASN A 223 -8.84 4.79 4.98
N VAL A 224 -8.48 4.72 3.70
CA VAL A 224 -8.17 5.91 2.88
C VAL A 224 -9.33 6.89 2.84
N VAL A 225 -10.57 6.42 2.82
CA VAL A 225 -11.74 7.33 2.73
C VAL A 225 -11.73 8.33 3.89
N GLU A 226 -11.22 7.91 5.05
CA GLU A 226 -11.21 8.81 6.23
C GLU A 226 -10.07 9.84 6.16
N TYR A 227 -9.23 9.77 5.14
CA TYR A 227 -8.12 10.72 4.92
C TYR A 227 -8.27 11.54 3.64
N VAL A 228 -9.40 11.45 2.96
CA VAL A 228 -9.55 12.19 1.69
C VAL A 228 -9.37 13.70 1.92
N ASP A 229 -9.96 14.26 2.96
CA ASP A 229 -9.81 15.71 3.21
C ASP A 229 -8.33 16.06 3.42
N TRP A 230 -7.61 15.25 4.17
CA TRP A 230 -6.18 15.42 4.46
C TRP A 230 -5.41 15.37 3.12
N ILE A 231 -5.68 14.35 2.34
CA ILE A 231 -5.00 14.22 1.03
C ILE A 231 -5.26 15.46 0.17
N LEU A 232 -6.51 15.85 0.03
CA LEU A 232 -6.85 16.99 -0.83
C LEU A 232 -6.18 18.26 -0.29
N GLU A 233 -6.13 18.45 1.01
CA GLU A 233 -5.48 19.65 1.60
C GLU A 233 -4.01 19.65 1.18
N LYS A 234 -3.33 18.51 1.31
CA LYS A 234 -1.86 18.45 1.11
C LYS A 234 -1.56 18.56 -0.38
N THR A 235 -2.41 18.02 -1.26
CA THR A 235 -2.12 17.95 -2.72
C THR A 235 -2.60 19.23 -3.41
N GLN A 236 -3.31 20.12 -2.71
CA GLN A 236 -3.80 21.43 -3.25
C GLN A 236 -3.04 22.61 -2.63
N ALA A 237 -2.14 22.38 -1.67
CA ALA A 237 -1.38 23.43 -0.94
C ALA A 237 -0.47 24.20 -1.90
#